data_3RQI
#
_entry.id   3RQI
#
_cell.length_a   55.240
_cell.length_b   55.240
_cell.length_c   95.420
_cell.angle_alpha   90.000
_cell.angle_beta   90.000
_cell.angle_gamma   120.000
#
_symmetry.space_group_name_H-M   'P 31 2 1'
#
loop_
_entity.id
_entity.type
_entity.pdbx_description
1 polymer 'Response regulator protein'
2 non-polymer 'CALCIUM ION'
3 non-polymer 'CITRIC ACID'
4 non-polymer 'SULFATE ION'
5 non-polymer GLYCEROL
6 water water
#
_entity_poly.entity_id   1
_entity_poly.type   'polypeptide(L)'
_entity_poly.pdbx_seq_one_letter_code
;GPGSMSDKNFLVIDDNEVFAGTLARGLERRGYAVRQAHNKDEALKLAGAEKFEFITV(PHD)LHLGNDSGLSLIAPLCDL
QPDARILVLTGYASIATAVQAVKDGADNYLAKPANVESILAALQTNASEVQAEEALENPVVLSVDRLEWEHIQRVLAENN
NNISATARALNMHRRTLQRKLAKKPVRQ
;
_entity_poly.pdbx_strand_id   A
#
# COMPACT_ATOMS: atom_id res chain seq x y z
N ASP A 7 -20.49 -8.36 -9.50
CA ASP A 7 -21.02 -8.04 -8.13
C ASP A 7 -20.05 -7.05 -7.46
N LYS A 8 -20.42 -6.53 -6.28
CA LYS A 8 -19.61 -5.48 -5.68
C LYS A 8 -19.29 -5.75 -4.23
N ASN A 9 -18.86 -6.98 -3.94
CA ASN A 9 -18.45 -7.36 -2.59
C ASN A 9 -17.00 -6.93 -2.33
N PHE A 10 -16.79 -6.21 -1.22
CA PHE A 10 -15.53 -5.61 -0.88
C PHE A 10 -15.09 -6.08 0.52
N LEU A 11 -13.85 -6.55 0.65
CA LEU A 11 -13.27 -6.92 1.98
C LEU A 11 -12.21 -5.89 2.38
N VAL A 12 -12.46 -5.25 3.50
CA VAL A 12 -11.51 -4.27 4.07
C VAL A 12 -10.74 -4.95 5.20
N ILE A 13 -9.43 -5.10 5.05
CA ILE A 13 -8.59 -5.74 6.10
C ILE A 13 -7.71 -4.65 6.71
N ASP A 14 -8.04 -4.23 7.93
CA ASP A 14 -7.27 -3.20 8.64
C ASP A 14 -7.57 -3.34 10.13
N ASP A 15 -6.54 -3.29 10.96
CA ASP A 15 -6.78 -3.43 12.42
C ASP A 15 -7.39 -2.20 13.06
N ASN A 16 -7.32 -1.06 12.36
CA ASN A 16 -7.90 0.19 12.86
C ASN A 16 -9.37 0.18 12.48
N GLU A 17 -10.23 -0.13 13.46
CA GLU A 17 -11.64 -0.37 13.19
C GLU A 17 -12.37 0.93 12.87
N VAL A 18 -11.84 2.04 13.35
CA VAL A 18 -12.43 3.35 13.07
C VAL A 18 -12.18 3.73 11.61
N PHE A 19 -10.93 3.67 11.19
CA PHE A 19 -10.59 3.85 9.80
C PHE A 19 -11.38 2.88 8.91
N ALA A 20 -11.48 1.63 9.33
CA ALA A 20 -12.10 0.63 8.49
C ALA A 20 -13.58 0.92 8.32
N GLY A 21 -14.21 1.38 9.40
CA GLY A 21 -15.62 1.77 9.34
C GLY A 21 -15.92 2.96 8.46
N THR A 22 -15.03 3.95 8.51
CA THR A 22 -15.20 5.13 7.65
C THR A 22 -15.08 4.74 6.16
N LEU A 23 -14.13 3.88 5.87
CA LEU A 23 -13.94 3.41 4.50
C LEU A 23 -15.16 2.58 4.08
N ALA A 24 -15.59 1.68 4.95
CA ALA A 24 -16.76 0.83 4.66
C ALA A 24 -17.99 1.69 4.37
N ARG A 25 -18.25 2.67 5.23
CA ARG A 25 -19.42 3.51 4.97
C ARG A 25 -19.33 4.23 3.64
N GLY A 26 -18.15 4.76 3.29
CA GLY A 26 -17.99 5.45 1.99
C GLY A 26 -18.20 4.52 0.78
N LEU A 27 -17.71 3.29 0.90
CA LEU A 27 -17.94 2.29 -0.14
C LEU A 27 -19.42 1.89 -0.24
N GLU A 28 -20.07 1.71 0.91
CA GLU A 28 -21.49 1.35 0.94
C GLU A 28 -22.33 2.44 0.24
N ARG A 29 -22.00 3.71 0.45
CA ARG A 29 -22.74 4.80 -0.21
C ARG A 29 -22.59 4.73 -1.72
N ARG A 30 -21.54 4.04 -2.18
CA ARG A 30 -21.31 3.84 -3.62
C ARG A 30 -21.83 2.50 -4.09
N GLY A 31 -22.55 1.81 -3.23
CA GLY A 31 -23.20 0.56 -3.62
C GLY A 31 -22.42 -0.72 -3.42
N TYR A 32 -21.30 -0.65 -2.69
CA TYR A 32 -20.56 -1.87 -2.39
C TYR A 32 -21.09 -2.50 -1.13
N ALA A 33 -21.02 -3.83 -1.05
CA ALA A 33 -21.40 -4.55 0.14
C ALA A 33 -20.06 -4.87 0.80
N VAL A 34 -19.83 -4.36 2.02
CA VAL A 34 -18.48 -4.41 2.64
C VAL A 34 -18.43 -5.27 3.89
N ARG A 35 -17.42 -6.12 3.96
CA ARG A 35 -17.06 -6.84 5.20
C ARG A 35 -15.71 -6.32 5.67
N GLN A 36 -15.50 -6.33 7.00
CA GLN A 36 -14.25 -5.86 7.58
C GLN A 36 -13.58 -7.03 8.35
N ALA A 37 -12.26 -7.09 8.29
CA ALA A 37 -11.45 -8.00 9.09
C ALA A 37 -10.38 -7.17 9.77
N HIS A 38 -10.15 -7.41 11.05
CA HIS A 38 -9.26 -6.54 11.84
C HIS A 38 -7.97 -7.23 12.22
N ASN A 39 -7.84 -8.49 11.81
CA ASN A 39 -6.62 -9.25 12.07
C ASN A 39 -6.53 -10.39 11.08
N LYS A 40 -5.43 -11.13 11.09
CA LYS A 40 -5.19 -12.18 10.10
C LYS A 40 -6.19 -13.34 10.20
N ASP A 41 -6.57 -13.74 11.41
CA ASP A 41 -7.57 -14.79 11.62
CA ASP A 41 -7.55 -14.81 11.52
C ASP A 41 -8.91 -14.43 10.94
N GLU A 42 -9.39 -13.23 11.24
CA GLU A 42 -10.65 -12.76 10.64
C GLU A 42 -10.56 -12.65 9.12
N ALA A 43 -9.43 -12.14 8.62
CA ALA A 43 -9.25 -12.00 7.17
C ALA A 43 -9.35 -13.37 6.48
N LEU A 44 -8.64 -14.36 7.02
CA LEU A 44 -8.68 -15.71 6.41
C LEU A 44 -10.04 -16.40 6.53
N LYS A 45 -10.71 -16.18 7.66
CA LYS A 45 -12.09 -16.69 7.89
C LYS A 45 -13.03 -16.13 6.82
N LEU A 46 -13.07 -14.82 6.71
CA LEU A 46 -13.91 -14.17 5.70
C LEU A 46 -13.58 -14.55 4.26
N ALA A 47 -12.28 -14.54 3.93
CA ALA A 47 -11.81 -14.82 2.57
C ALA A 47 -12.00 -16.28 2.20
N GLY A 48 -12.29 -17.11 3.22
CA GLY A 48 -12.60 -18.54 2.99
C GLY A 48 -14.10 -18.80 2.95
N ALA A 49 -14.90 -17.77 3.19
CA ALA A 49 -16.34 -17.97 3.34
C ALA A 49 -17.19 -17.34 2.25
N GLU A 50 -16.69 -16.29 1.62
CA GLU A 50 -17.48 -15.51 0.69
C GLU A 50 -16.55 -15.02 -0.44
N LYS A 51 -17.11 -14.81 -1.63
CA LYS A 51 -16.37 -14.27 -2.77
C LYS A 51 -16.37 -12.77 -2.74
N PHE A 52 -15.17 -12.18 -2.88
CA PHE A 52 -14.99 -10.73 -2.94
C PHE A 52 -14.48 -10.30 -4.29
N GLU A 53 -14.99 -9.19 -4.81
CA GLU A 53 -14.46 -8.65 -6.04
C GLU A 53 -13.29 -7.72 -5.78
N PHE A 54 -13.28 -7.08 -4.60
CA PHE A 54 -12.22 -6.14 -4.22
C PHE A 54 -11.78 -6.41 -2.80
N ILE A 55 -10.49 -6.24 -2.54
CA ILE A 55 -9.93 -6.43 -1.21
C ILE A 55 -8.88 -5.36 -0.96
N THR A 56 -8.95 -4.68 0.19
CA THR A 56 -7.85 -3.80 0.63
C THR A 56 -7.10 -4.44 1.78
N VAL A 57 -5.78 -4.27 1.79
CA VAL A 57 -4.93 -4.93 2.78
C VAL A 57 -4.01 -3.92 3.46
N LEU A 59 -0.76 -3.12 5.86
CA LEU A 59 0.47 -3.87 6.10
C LEU A 59 0.74 -4.12 7.57
N HIS A 60 0.66 -3.07 8.37
CA HIS A 60 0.93 -3.20 9.78
C HIS A 60 -0.34 -3.59 10.47
N LEU A 61 -0.68 -4.89 10.36
CA LEU A 61 -1.98 -5.35 10.81
C LEU A 61 -1.98 -5.73 12.29
N GLY A 62 -1.85 -4.75 13.16
CA GLY A 62 -1.78 -5.04 14.60
C GLY A 62 -0.57 -5.90 14.87
N ASN A 63 -0.79 -7.08 15.46
CA ASN A 63 0.29 -8.07 15.71
C ASN A 63 0.66 -8.89 14.45
N ASP A 64 -0.12 -8.71 13.38
CA ASP A 64 0.01 -9.55 12.16
C ASP A 64 0.67 -8.83 10.97
N SER A 65 1.25 -9.62 10.05
CA SER A 65 1.82 -9.08 8.82
C SER A 65 0.76 -9.11 7.73
N GLY A 66 0.30 -7.94 7.27
CA GLY A 66 -0.59 -7.86 6.09
C GLY A 66 0.07 -8.38 4.81
N LEU A 67 1.38 -8.18 4.72
CA LEU A 67 2.10 -8.64 3.55
C LEU A 67 1.94 -10.16 3.40
N SER A 68 2.03 -10.85 4.54
CA SER A 68 1.94 -12.32 4.60
C SER A 68 0.56 -12.86 4.20
N LEU A 69 -0.43 -11.97 4.17
CA LEU A 69 -1.80 -12.35 3.79
C LEU A 69 -2.00 -12.35 2.28
N ILE A 70 -1.14 -11.67 1.55
CA ILE A 70 -1.47 -11.43 0.13
C ILE A 70 -1.50 -12.73 -0.71
N ALA A 71 -0.47 -13.56 -0.62
CA ALA A 71 -0.47 -14.84 -1.33
C ALA A 71 -1.67 -15.75 -0.99
N PRO A 72 -1.94 -15.99 0.31
CA PRO A 72 -3.13 -16.81 0.67
C PRO A 72 -4.45 -16.21 0.16
N LEU A 73 -4.57 -14.89 0.19
CA LEU A 73 -5.74 -14.22 -0.34
C LEU A 73 -5.88 -14.45 -1.85
N CYS A 74 -4.78 -14.35 -2.60
CA CYS A 74 -4.85 -14.61 -4.02
C CYS A 74 -5.30 -16.06 -4.26
N ASP A 75 -4.86 -16.99 -3.42
CA ASP A 75 -5.22 -18.43 -3.60
C ASP A 75 -6.68 -18.63 -3.34
N LEU A 76 -7.19 -17.95 -2.33
CA LEU A 76 -8.63 -18.05 -1.99
C LEU A 76 -9.52 -17.25 -2.91
N GLN A 77 -8.96 -16.16 -3.47
CA GLN A 77 -9.77 -15.18 -4.19
C GLN A 77 -9.10 -14.86 -5.52
N PRO A 78 -9.01 -15.86 -6.41
CA PRO A 78 -8.22 -15.66 -7.63
C PRO A 78 -8.78 -14.58 -8.53
N ASP A 79 -10.09 -14.35 -8.48
CA ASP A 79 -10.75 -13.33 -9.28
C ASP A 79 -10.67 -11.89 -8.69
N ALA A 80 -10.39 -11.76 -7.40
CA ALA A 80 -10.40 -10.44 -6.71
C ALA A 80 -9.29 -9.50 -7.17
N ARG A 81 -9.60 -8.19 -7.22
CA ARG A 81 -8.56 -7.14 -7.34
C ARG A 81 -8.11 -6.82 -5.92
N ILE A 82 -6.80 -6.80 -5.69
CA ILE A 82 -6.28 -6.68 -4.34
C ILE A 82 -5.36 -5.46 -4.27
N LEU A 83 -5.63 -4.55 -3.33
CA LEU A 83 -4.87 -3.29 -3.23
C LEU A 83 -4.28 -3.23 -1.82
N VAL A 84 -2.98 -3.01 -1.73
CA VAL A 84 -2.36 -2.66 -0.42
C VAL A 84 -2.65 -1.21 -0.15
N LEU A 85 -3.17 -0.94 1.03
CA LEU A 85 -3.51 0.45 1.42
C LEU A 85 -2.86 0.71 2.79
N THR A 86 -1.80 1.54 2.83
CA THR A 86 -0.91 1.54 4.03
C THR A 86 -0.41 2.91 4.48
N GLY A 87 -0.37 3.10 5.79
CA GLY A 87 0.25 4.29 6.40
C GLY A 87 1.76 4.12 6.60
N TYR A 88 2.29 2.96 6.16
CA TYR A 88 3.70 2.68 6.24
C TYR A 88 4.32 2.42 4.86
N ALA A 89 4.13 3.35 3.94
CA ALA A 89 4.49 3.06 2.55
C ALA A 89 6.00 3.03 2.36
N SER A 90 6.46 2.09 1.53
CA SER A 90 7.86 2.01 1.14
C SER A 90 8.01 1.29 -0.18
N ILE A 91 9.05 1.66 -0.91
CA ILE A 91 9.34 0.89 -2.15
C ILE A 91 9.54 -0.59 -1.85
N ALA A 92 10.27 -0.92 -0.78
CA ALA A 92 10.53 -2.32 -0.54
C ALA A 92 9.26 -3.14 -0.31
N THR A 93 8.33 -2.62 0.47
CA THR A 93 7.09 -3.39 0.67
C THR A 93 6.21 -3.44 -0.57
N ALA A 94 6.29 -2.40 -1.41
CA ALA A 94 5.51 -2.39 -2.65
C ALA A 94 6.04 -3.47 -3.61
N VAL A 95 7.36 -3.55 -3.76
CA VAL A 95 7.99 -4.62 -4.57
C VAL A 95 7.49 -5.99 -4.07
N GLN A 96 7.61 -6.28 -2.75
CA GLN A 96 7.24 -7.61 -2.28
C GLN A 96 5.74 -7.86 -2.40
N ALA A 97 4.93 -6.83 -2.12
CA ALA A 97 3.49 -7.00 -2.24
C ALA A 97 3.04 -7.42 -3.63
N VAL A 98 3.69 -6.83 -4.64
CA VAL A 98 3.33 -7.16 -6.03
C VAL A 98 3.81 -8.56 -6.34
N LYS A 99 5.00 -8.95 -5.84
CA LYS A 99 5.45 -10.31 -6.08
C LYS A 99 4.49 -11.35 -5.49
N ASP A 100 3.89 -11.00 -4.36
CA ASP A 100 2.97 -11.86 -3.60
C ASP A 100 1.60 -11.98 -4.27
N GLY A 101 1.34 -11.07 -5.20
CA GLY A 101 0.11 -11.06 -5.98
C GLY A 101 -0.78 -9.83 -5.92
N ALA A 102 -0.36 -8.82 -5.15
CA ALA A 102 -1.18 -7.60 -5.10
C ALA A 102 -1.25 -6.95 -6.49
N ASP A 103 -2.43 -6.43 -6.80
CA ASP A 103 -2.60 -5.71 -8.05
C ASP A 103 -2.11 -4.25 -8.01
N ASN A 104 -2.11 -3.61 -6.83
CA ASN A 104 -1.67 -2.23 -6.75
C ASN A 104 -1.37 -1.88 -5.30
N TYR A 105 -0.90 -0.65 -5.09
CA TYR A 105 -0.43 -0.29 -3.75
C TYR A 105 -0.61 1.21 -3.64
N LEU A 106 -1.26 1.64 -2.55
CA LEU A 106 -1.49 3.08 -2.30
C LEU A 106 -1.13 3.47 -0.89
N ALA A 107 -0.49 4.64 -0.77
CA ALA A 107 -0.27 5.25 0.56
C ALA A 107 -1.53 5.89 1.12
N LYS A 108 -1.79 5.64 2.41
CA LYS A 108 -2.72 6.46 3.18
C LYS A 108 -2.10 7.88 3.37
N PRO A 109 -2.93 8.91 3.41
CA PRO A 109 -4.38 8.87 3.25
C PRO A 109 -4.79 8.88 1.77
N ALA A 110 -5.86 8.16 1.48
CA ALA A 110 -6.44 8.11 0.14
C ALA A 110 -7.93 8.23 0.34
N ASN A 111 -8.64 8.82 -0.63
CA ASN A 111 -10.08 8.86 -0.55
C ASN A 111 -10.71 7.69 -1.28
N VAL A 112 -12.02 7.53 -1.10
CA VAL A 112 -12.72 6.40 -1.66
C VAL A 112 -12.60 6.34 -3.20
N GLU A 113 -12.79 7.48 -3.87
CA GLU A 113 -12.60 7.55 -5.34
C GLU A 113 -11.22 7.06 -5.80
N SER A 114 -10.16 7.45 -5.08
CA SER A 114 -8.82 7.06 -5.50
C SER A 114 -8.52 5.57 -5.20
N ILE A 115 -9.15 5.09 -4.13
CA ILE A 115 -9.03 3.66 -3.78
C ILE A 115 -9.69 2.84 -4.89
N LEU A 116 -10.92 3.20 -5.28
CA LEU A 116 -11.59 2.54 -6.41
C LEU A 116 -10.78 2.65 -7.72
N ALA A 117 -10.24 3.84 -8.01
CA ALA A 117 -9.42 4.04 -9.21
C ALA A 117 -8.23 3.07 -9.24
N ALA A 118 -7.59 2.94 -8.09
CA ALA A 118 -6.37 2.12 -7.93
C ALA A 118 -6.65 0.63 -8.09
N LEU A 119 -7.92 0.26 -7.89
CA LEU A 119 -8.34 -1.13 -8.10
C LEU A 119 -8.65 -1.55 -9.52
N GLN A 120 -8.74 -0.60 -10.46
CA GLN A 120 -9.15 -0.91 -11.82
C GLN A 120 -8.02 -1.50 -12.64
N THR A 121 -8.39 -2.27 -13.66
CA THR A 121 -7.42 -2.82 -14.61
CA THR A 121 -7.43 -2.82 -14.62
C THR A 121 -6.54 -1.71 -15.17
N ASN A 122 -5.25 -2.00 -15.29
CA ASN A 122 -4.27 -1.07 -15.89
C ASN A 122 -3.95 0.17 -15.03
N ALA A 123 -4.51 0.24 -13.82
CA ALA A 123 -4.28 1.46 -13.00
C ALA A 123 -2.82 1.71 -12.72
N SER A 124 -2.09 0.63 -12.39
CA SER A 124 -0.65 0.73 -12.14
C SER A 124 0.14 1.28 -13.32
N GLU A 125 -0.19 0.83 -14.53
CA GLU A 125 0.54 1.31 -15.72
CA GLU A 125 0.47 1.29 -15.75
C GLU A 125 0.33 2.81 -15.89
N VAL A 126 -0.90 3.31 -15.71
CA VAL A 126 -1.18 4.76 -15.80
C VAL A 126 -0.42 5.54 -14.71
N GLN A 127 -0.42 4.97 -13.52
CA GLN A 127 0.22 5.66 -12.38
C GLN A 127 1.75 5.74 -12.56
N ALA A 128 2.33 4.66 -13.09
CA ALA A 128 3.77 4.65 -13.38
C ALA A 128 4.15 5.71 -14.41
N GLU A 129 3.38 5.81 -15.48
CA GLU A 129 3.61 6.87 -16.48
C GLU A 129 3.48 8.29 -15.89
N GLU A 130 2.42 8.53 -15.12
CA GLU A 130 2.23 9.84 -14.45
C GLU A 130 3.44 10.14 -13.56
N ALA A 131 3.96 9.12 -12.89
CA ALA A 131 5.13 9.36 -12.00
C ALA A 131 6.36 9.77 -12.81
N LEU A 132 6.59 9.10 -13.93
CA LEU A 132 7.77 9.42 -14.73
C LEU A 132 7.69 10.84 -15.33
N GLU A 133 6.47 11.31 -15.55
CA GLU A 133 6.23 12.66 -16.08
C GLU A 133 6.36 13.74 -15.02
N ASN A 134 6.25 13.33 -13.75
CA ASN A 134 6.26 14.28 -12.64
C ASN A 134 7.35 13.96 -11.62
N PRO A 135 8.63 14.01 -12.03
CA PRO A 135 9.71 13.81 -11.05
C PRO A 135 9.66 14.85 -9.95
N VAL A 136 10.03 14.43 -8.75
CA VAL A 136 9.96 15.29 -7.59
C VAL A 136 11.34 15.75 -7.10
N VAL A 137 11.43 17.04 -6.73
CA VAL A 137 12.61 17.61 -6.09
C VAL A 137 12.16 18.39 -4.84
N LEU A 138 12.94 18.28 -3.76
CA LEU A 138 12.62 18.87 -2.46
C LEU A 138 13.75 19.75 -1.93
N SER A 139 13.38 20.84 -1.26
CA SER A 139 14.36 21.77 -0.70
C SER A 139 14.95 21.26 0.61
N LEU A 143 23.12 23.21 5.16
CA LEU A 143 23.53 22.69 6.45
C LEU A 143 22.96 21.29 6.68
N GLU A 144 21.67 21.11 6.37
CA GLU A 144 21.08 19.77 6.33
C GLU A 144 21.73 18.99 5.20
N TRP A 145 22.05 19.71 4.13
CA TRP A 145 22.76 19.18 2.97
C TRP A 145 24.09 18.57 3.38
N GLU A 146 24.87 19.32 4.17
CA GLU A 146 26.17 18.85 4.68
C GLU A 146 26.05 17.60 5.57
N HIS A 147 24.97 17.51 6.34
CA HIS A 147 24.75 16.37 7.24
C HIS A 147 24.41 15.09 6.46
N ILE A 148 23.60 15.25 5.41
CA ILE A 148 23.23 14.13 4.54
C ILE A 148 24.40 13.67 3.65
N GLN A 149 25.24 14.60 3.21
CA GLN A 149 26.46 14.25 2.46
C GLN A 149 27.47 13.50 3.33
N ARG A 150 27.46 13.79 4.63
CA ARG A 150 28.35 13.12 5.58
C ARG A 150 27.91 11.69 5.89
N VAL A 151 26.62 11.50 6.18
CA VAL A 151 26.06 10.18 6.46
C VAL A 151 26.12 9.30 5.21
N LEU A 152 25.92 9.91 4.04
CA LEU A 152 25.97 9.19 2.76
C LEU A 152 27.39 8.67 2.48
N ALA A 153 28.39 9.52 2.76
CA ALA A 153 29.81 9.16 2.60
C ALA A 153 30.26 8.09 3.61
N GLU A 154 29.73 8.17 4.82
CA GLU A 154 29.99 7.20 5.90
C GLU A 154 29.35 5.84 5.62
N ASN A 155 28.41 5.82 4.68
CA ASN A 155 27.71 4.60 4.31
C ASN A 155 28.11 4.09 2.91
N ASN A 156 29.28 4.53 2.44
CA ASN A 156 29.83 4.18 1.12
C ASN A 156 28.91 4.58 -0.06
N ASN A 157 28.32 5.78 0.04
CA ASN A 157 27.41 6.34 -0.98
C ASN A 157 26.14 5.49 -1.22
N ASN A 158 25.66 4.88 -0.14
CA ASN A 158 24.49 4.02 -0.15
C ASN A 158 23.23 4.71 0.42
N ILE A 159 22.30 5.07 -0.45
CA ILE A 159 21.11 5.84 -0.03
C ILE A 159 20.16 5.02 0.86
N SER A 160 20.16 3.69 0.69
CA SER A 160 19.30 2.82 1.50
C SER A 160 19.76 2.85 2.97
N ALA A 161 21.06 2.61 3.18
CA ALA A 161 21.68 2.72 4.50
C ALA A 161 21.60 4.13 5.08
N THR A 162 21.80 5.13 4.23
CA THR A 162 21.70 6.54 4.65
C THR A 162 20.25 6.88 5.09
N ALA A 163 19.27 6.42 4.30
CA ALA A 163 17.85 6.60 4.62
C ALA A 163 17.53 6.06 6.01
N ARG A 164 17.94 4.82 6.28
CA ARG A 164 17.69 4.19 7.58
C ARG A 164 18.35 4.94 8.73
N ALA A 165 19.58 5.41 8.52
CA ALA A 165 20.33 6.15 9.55
C ALA A 165 19.67 7.50 9.88
N LEU A 166 19.17 8.17 8.83
CA LEU A 166 18.53 9.49 8.96
C LEU A 166 17.07 9.42 9.35
N ASN A 167 16.54 8.20 9.43
CA ASN A 167 15.14 7.94 9.69
C ASN A 167 14.19 8.68 8.73
N MET A 168 14.56 8.68 7.46
CA MET A 168 13.74 9.25 6.41
C MET A 168 13.55 8.24 5.28
N HIS A 169 12.56 8.48 4.43
CA HIS A 169 12.33 7.59 3.28
C HIS A 169 13.44 7.76 2.25
N ARG A 170 13.72 6.68 1.52
CA ARG A 170 14.73 6.76 0.49
C ARG A 170 14.30 7.79 -0.55
N ARG A 171 13.02 7.80 -0.89
CA ARG A 171 12.48 8.72 -1.89
C ARG A 171 12.72 10.19 -1.49
N THR A 172 12.53 10.47 -0.20
CA THR A 172 12.76 11.80 0.38
C THR A 172 14.22 12.23 0.28
N LEU A 173 15.13 11.34 0.68
CA LEU A 173 16.58 11.58 0.49
C LEU A 173 16.91 11.96 -0.95
N GLN A 174 16.45 11.12 -1.88
CA GLN A 174 16.72 11.29 -3.31
C GLN A 174 16.21 12.64 -3.86
N ARG A 175 15.01 13.04 -3.42
CA ARG A 175 14.38 14.26 -3.90
C ARG A 175 15.13 15.48 -3.37
N LYS A 176 15.66 15.31 -2.17
CA LYS A 176 16.43 16.36 -1.51
C LYS A 176 17.83 16.45 -2.10
N LEU A 177 18.33 15.34 -2.61
CA LEU A 177 19.67 15.30 -3.23
C LEU A 177 19.64 15.78 -4.69
N ALA A 178 18.47 15.67 -5.32
CA ALA A 178 18.29 16.03 -6.75
C ALA A 178 18.63 17.50 -7.06
N LYS A 179 19.18 17.73 -8.26
CA LYS A 179 19.64 19.06 -8.68
C LYS A 179 18.49 20.06 -8.92
#